data_7TIM
#
_entry.id   7TIM
#
_cell.length_a   74.000
_cell.length_b   83.500
_cell.length_c   38.400
_cell.angle_alpha   90.00
_cell.angle_beta   99.55
_cell.angle_gamma   90.00
#
_symmetry.space_group_name_H-M   'P 1 21 1'
#
loop_
_entity.id
_entity.type
_entity.pdbx_description
1 polymer 'TRIOSEPHOSPHATE ISOMERASE'
2 non-polymer 'PHOSPHOGLYCOLOHYDROXAMIC ACID'
3 water water
#
_entity_poly.entity_id   1
_entity_poly.type   'polypeptide(L)'
_entity_poly.pdbx_seq_one_letter_code
;ARTFFVGGNFKLNGSKQSIKEIVERLNTASIPENVEVVICPPATYLDYSVSLVKKPQVTVGAQNAYLKASGAFTGENSVD
QIKDVGAKWVILGHSERRSYFHEDDKFIADKTKFALGQGVGVILCIGETLEEKKAGKTLDVVERQLNAVLEEVKDWTNVV
VAYEPVWAIGTGLAATPEDAQDIHASIRKFLASKLGDKAASELRILYGGSANGSNAVTFKDKADVDGFLVGGASLKPEFV
DIINSRN
;
_entity_poly.pdbx_strand_id   A,B
#
loop_
_chem_comp.id
_chem_comp.type
_chem_comp.name
_chem_comp.formula
PGH non-polymer 'PHOSPHOGLYCOLOHYDROXAMIC ACID' 'C2 H6 N O6 P'
#
# COMPACT_ATOMS: atom_id res chain seq x y z
N ALA A 1 12.65 -28.25 -17.11
CA ALA A 1 13.75 -27.22 -17.42
C ALA A 1 13.25 -25.97 -16.70
N ARG A 2 13.10 -24.84 -17.35
CA ARG A 2 12.47 -23.70 -16.63
C ARG A 2 10.95 -23.88 -16.78
N THR A 3 10.25 -23.97 -15.66
CA THR A 3 8.78 -24.12 -15.68
C THR A 3 8.11 -22.84 -16.19
N PHE A 4 7.14 -22.97 -17.04
CA PHE A 4 6.37 -21.86 -17.59
C PHE A 4 5.76 -21.13 -16.39
N PHE A 5 5.85 -19.80 -16.44
CA PHE A 5 5.38 -18.97 -15.31
C PHE A 5 4.53 -17.83 -15.80
N VAL A 6 3.31 -17.78 -15.30
CA VAL A 6 2.40 -16.69 -15.70
C VAL A 6 2.02 -15.88 -14.48
N GLY A 7 2.32 -14.60 -14.46
CA GLY A 7 1.89 -13.75 -13.31
C GLY A 7 0.70 -12.88 -13.70
N GLY A 8 -0.28 -12.75 -12.82
CA GLY A 8 -1.46 -11.87 -13.09
C GLY A 8 -1.30 -10.60 -12.26
N ASN A 9 -1.04 -9.46 -12.84
CA ASN A 9 -0.88 -8.21 -12.06
C ASN A 9 -2.21 -7.43 -12.13
N PHE A 10 -3.10 -7.59 -11.21
CA PHE A 10 -4.40 -6.91 -11.23
C PHE A 10 -4.28 -5.40 -11.15
N LYS A 11 -3.23 -4.90 -10.53
CA LYS A 11 -3.01 -3.44 -10.37
C LYS A 11 -4.09 -2.95 -9.41
N LEU A 12 -4.55 -1.75 -9.57
CA LEU A 12 -5.58 -1.23 -8.62
C LEU A 12 -6.94 -1.49 -9.26
N ASN A 13 -7.28 -2.79 -9.22
CA ASN A 13 -8.55 -3.24 -9.79
C ASN A 13 -9.05 -4.42 -8.99
N GLY A 14 -10.35 -4.45 -8.80
CA GLY A 14 -10.99 -5.58 -8.13
C GLY A 14 -11.95 -5.24 -6.99
N SER A 15 -12.78 -6.25 -6.71
CA SER A 15 -13.76 -6.24 -5.62
C SER A 15 -13.84 -7.69 -5.15
N LYS A 16 -14.52 -7.98 -4.06
CA LYS A 16 -14.58 -9.41 -3.65
C LYS A 16 -15.32 -10.15 -4.75
N GLN A 17 -16.29 -9.50 -5.34
CA GLN A 17 -17.16 -10.04 -6.37
C GLN A 17 -16.40 -10.39 -7.65
N SER A 18 -15.60 -9.46 -8.14
CA SER A 18 -14.79 -9.61 -9.33
C SER A 18 -13.64 -10.59 -9.05
N ILE A 19 -13.04 -10.46 -7.89
CA ILE A 19 -11.91 -11.34 -7.52
C ILE A 19 -12.43 -12.77 -7.48
N LYS A 20 -13.53 -12.92 -6.76
CA LYS A 20 -14.23 -14.19 -6.61
C LYS A 20 -14.26 -14.89 -7.98
N GLU A 21 -14.81 -14.13 -8.88
CA GLU A 21 -15.03 -14.52 -10.27
C GLU A 21 -13.79 -14.96 -11.01
N ILE A 22 -12.68 -14.28 -10.79
CA ILE A 22 -11.40 -14.57 -11.44
C ILE A 22 -10.85 -15.84 -10.89
N VAL A 23 -10.75 -15.90 -9.58
CA VAL A 23 -10.20 -17.03 -8.84
C VAL A 23 -11.00 -18.29 -9.14
N GLU A 24 -12.32 -18.09 -9.21
CA GLU A 24 -13.12 -19.29 -9.48
C GLU A 24 -12.88 -19.79 -10.88
N ARG A 25 -12.78 -18.88 -11.83
CA ARG A 25 -12.50 -19.21 -13.23
C ARG A 25 -11.21 -20.04 -13.27
N LEU A 26 -10.25 -19.68 -12.40
CA LEU A 26 -8.97 -20.40 -12.37
C LEU A 26 -9.11 -21.78 -11.77
N ASN A 27 -9.89 -21.86 -10.71
CA ASN A 27 -10.07 -23.13 -9.97
C ASN A 27 -10.62 -24.21 -10.93
N THR A 28 -11.60 -23.84 -11.71
CA THR A 28 -12.33 -24.56 -12.74
C THR A 28 -11.62 -24.90 -14.04
N ALA A 29 -10.85 -24.02 -14.63
CA ALA A 29 -10.13 -24.15 -15.86
C ALA A 29 -9.15 -25.31 -15.91
N SER A 30 -9.03 -25.78 -17.16
CA SER A 30 -8.12 -26.85 -17.56
C SER A 30 -6.76 -26.26 -17.91
N ILE A 31 -5.78 -26.53 -17.07
CA ILE A 31 -4.42 -25.98 -17.36
C ILE A 31 -3.45 -27.09 -17.13
N PRO A 32 -2.38 -27.14 -17.88
CA PRO A 32 -1.36 -28.20 -17.75
C PRO A 32 -0.92 -28.27 -16.30
N GLU A 33 -0.47 -29.40 -15.73
CA GLU A 33 -0.11 -29.31 -14.30
C GLU A 33 1.28 -28.73 -14.11
N ASN A 34 2.03 -28.61 -15.17
CA ASN A 34 3.40 -28.09 -15.19
C ASN A 34 3.45 -26.58 -15.49
N VAL A 35 2.63 -25.84 -14.77
CA VAL A 35 2.60 -24.37 -14.95
C VAL A 35 2.60 -23.79 -13.51
N GLU A 36 3.15 -22.60 -13.45
CA GLU A 36 3.21 -21.80 -12.22
C GLU A 36 2.51 -20.48 -12.58
N VAL A 37 1.45 -20.30 -11.86
CA VAL A 37 0.53 -19.15 -12.02
C VAL A 37 0.48 -18.38 -10.68
N VAL A 38 0.59 -17.08 -10.82
CA VAL A 38 0.58 -16.24 -9.62
C VAL A 38 -0.37 -15.09 -9.90
N ILE A 39 -1.33 -14.88 -9.01
CA ILE A 39 -2.24 -13.71 -9.21
C ILE A 39 -1.94 -12.68 -8.11
N CYS A 40 -1.87 -11.43 -8.49
CA CYS A 40 -1.46 -10.35 -7.61
C CYS A 40 -2.55 -9.29 -7.54
N PRO A 41 -3.40 -9.43 -6.54
CA PRO A 41 -4.50 -8.53 -6.23
C PRO A 41 -4.07 -7.37 -5.33
N PRO A 42 -4.87 -6.36 -5.27
CA PRO A 42 -4.63 -5.26 -4.31
C PRO A 42 -4.43 -5.90 -2.91
N ALA A 43 -3.52 -5.35 -2.11
CA ALA A 43 -3.28 -5.89 -0.76
C ALA A 43 -4.60 -6.13 -0.01
N THR A 44 -5.53 -5.23 -0.19
CA THR A 44 -6.85 -5.39 0.49
C THR A 44 -7.41 -6.78 0.28
N TYR A 45 -7.07 -7.45 -0.82
CA TYR A 45 -7.60 -8.77 -1.17
C TYR A 45 -6.63 -9.93 -1.12
N LEU A 46 -5.46 -9.82 -0.52
CA LEU A 46 -4.52 -10.95 -0.46
C LEU A 46 -5.08 -12.18 0.26
N ASP A 47 -5.59 -11.97 1.45
CA ASP A 47 -6.19 -12.90 2.40
C ASP A 47 -7.35 -13.67 1.76
N TYR A 48 -8.30 -12.89 1.31
CA TYR A 48 -9.52 -13.33 0.64
C TYR A 48 -9.12 -14.20 -0.57
N SER A 49 -8.29 -13.58 -1.41
CA SER A 49 -7.75 -14.24 -2.60
C SER A 49 -7.11 -15.55 -2.18
N VAL A 50 -6.30 -15.56 -1.14
CA VAL A 50 -5.66 -16.81 -0.72
C VAL A 50 -6.70 -17.87 -0.36
N SER A 51 -7.79 -17.40 0.19
CA SER A 51 -8.89 -18.26 0.60
C SER A 51 -9.67 -18.89 -0.55
N LEU A 52 -9.81 -18.25 -1.69
CA LEU A 52 -10.57 -18.77 -2.83
C LEU A 52 -9.83 -19.79 -3.69
N VAL A 53 -8.52 -19.75 -3.64
CA VAL A 53 -7.61 -20.59 -4.40
C VAL A 53 -7.75 -22.03 -3.93
N LYS A 54 -8.06 -22.88 -4.90
CA LYS A 54 -8.22 -24.32 -4.69
C LYS A 54 -7.44 -25.12 -5.75
N LYS A 55 -6.49 -24.45 -6.37
CA LYS A 55 -5.62 -25.01 -7.40
C LYS A 55 -4.14 -24.89 -7.01
N PRO A 56 -3.48 -26.03 -7.02
CA PRO A 56 -2.08 -26.20 -6.68
C PRO A 56 -1.10 -25.32 -7.45
N GLN A 57 -1.42 -25.09 -8.73
CA GLN A 57 -0.59 -24.26 -9.60
C GLN A 57 -0.81 -22.76 -9.38
N VAL A 58 -1.81 -22.41 -8.61
CA VAL A 58 -2.13 -20.99 -8.35
C VAL A 58 -1.74 -20.58 -6.93
N THR A 59 -1.06 -19.46 -6.92
CA THR A 59 -0.47 -18.88 -5.67
C THR A 59 -0.65 -17.39 -5.81
N VAL A 60 -0.77 -16.71 -4.69
CA VAL A 60 -1.02 -15.25 -4.61
C VAL A 60 0.24 -14.49 -4.23
N GLY A 61 0.38 -13.28 -4.76
CA GLY A 61 1.55 -12.42 -4.44
C GLY A 61 0.99 -11.02 -4.22
N ALA A 62 1.78 -10.15 -3.66
CA ALA A 62 1.40 -8.76 -3.43
C ALA A 62 1.94 -7.92 -4.59
N GLN A 63 1.48 -6.71 -4.66
CA GLN A 63 1.90 -5.75 -5.69
C GLN A 63 3.05 -4.86 -5.27
N ASN A 64 3.44 -4.87 -4.01
CA ASN A 64 4.59 -4.05 -3.55
C ASN A 64 4.71 -4.29 -2.05
N ALA A 65 5.89 -4.07 -1.56
CA ALA A 65 6.24 -4.17 -0.12
C ALA A 65 7.36 -3.17 0.16
N TYR A 66 7.50 -2.84 1.43
CA TYR A 66 8.51 -1.92 1.98
C TYR A 66 9.73 -2.77 2.27
N LEU A 67 10.83 -2.16 2.69
CA LEU A 67 12.04 -2.96 2.94
C LEU A 67 12.30 -3.30 4.39
N LYS A 68 11.29 -3.29 5.24
CA LYS A 68 11.31 -3.67 6.64
C LYS A 68 9.97 -4.43 6.87
N ALA A 69 10.01 -5.33 7.83
CA ALA A 69 8.90 -6.17 8.20
C ALA A 69 7.83 -5.45 9.03
N SER A 70 8.28 -4.56 9.87
CA SER A 70 7.34 -3.85 10.81
C SER A 70 8.00 -2.51 11.15
N GLY A 71 7.21 -1.60 11.71
CA GLY A 71 7.77 -0.29 12.05
C GLY A 71 6.83 0.83 11.70
N ALA A 72 7.33 2.01 12.02
CA ALA A 72 6.58 3.27 11.86
C ALA A 72 6.59 3.65 10.39
N PHE A 73 5.84 2.92 9.57
CA PHE A 73 5.79 3.28 8.13
C PHE A 73 4.36 3.17 7.68
N THR A 74 3.60 4.19 8.02
CA THR A 74 2.19 4.29 7.73
C THR A 74 1.92 4.14 6.23
N GLY A 75 0.95 3.31 5.93
CA GLY A 75 0.53 3.05 4.57
C GLY A 75 1.33 2.04 3.78
N GLU A 76 2.34 1.38 4.30
CA GLU A 76 3.09 0.38 3.53
C GLU A 76 2.57 -1.03 3.78
N ASN A 77 3.15 -1.95 2.99
CA ASN A 77 2.74 -3.38 3.14
C ASN A 77 4.04 -4.08 3.58
N SER A 78 3.92 -5.16 4.32
CA SER A 78 5.11 -5.90 4.83
C SER A 78 5.20 -7.28 4.16
N VAL A 79 6.37 -7.80 3.91
CA VAL A 79 6.56 -9.16 3.42
C VAL A 79 6.11 -10.16 4.48
N ASP A 80 6.47 -9.93 5.73
CA ASP A 80 6.03 -10.78 6.87
C ASP A 80 4.53 -10.91 6.92
N GLN A 81 3.80 -9.85 6.64
CA GLN A 81 2.34 -9.84 6.64
C GLN A 81 1.70 -10.49 5.42
N ILE A 82 2.30 -10.28 4.25
CA ILE A 82 1.66 -10.88 3.04
C ILE A 82 1.81 -12.39 3.18
N LYS A 83 2.90 -12.80 3.78
CA LYS A 83 3.21 -14.21 4.07
C LYS A 83 2.34 -14.78 5.15
N ASP A 84 1.99 -13.99 6.16
CA ASP A 84 1.15 -14.45 7.28
C ASP A 84 -0.22 -14.88 6.77
N VAL A 85 -0.72 -14.10 5.83
CA VAL A 85 -1.99 -14.26 5.15
C VAL A 85 -1.92 -15.33 4.06
N GLY A 86 -0.75 -15.88 3.78
CA GLY A 86 -0.68 -16.92 2.75
C GLY A 86 -0.06 -16.62 1.42
N ALA A 87 0.23 -15.40 1.04
CA ALA A 87 0.85 -15.02 -0.23
C ALA A 87 2.29 -15.57 -0.25
N LYS A 88 2.78 -15.71 -1.48
CA LYS A 88 4.13 -16.31 -1.60
C LYS A 88 5.10 -15.48 -2.40
N TRP A 89 4.61 -14.48 -3.05
CA TRP A 89 5.27 -13.58 -3.95
C TRP A 89 5.01 -12.11 -3.65
N VAL A 90 5.83 -11.27 -4.27
CA VAL A 90 5.70 -9.82 -4.23
C VAL A 90 6.44 -9.31 -5.48
N ILE A 91 5.70 -8.44 -6.16
CA ILE A 91 6.24 -7.79 -7.34
C ILE A 91 7.02 -6.59 -6.81
N LEU A 92 8.27 -6.46 -7.16
CA LEU A 92 9.11 -5.30 -6.81
C LEU A 92 9.67 -4.67 -8.08
N GLY A 93 9.77 -3.36 -8.11
CA GLY A 93 10.36 -2.63 -9.24
C GLY A 93 9.45 -2.41 -10.41
N HIS A 94 8.17 -2.65 -10.26
CA HIS A 94 7.23 -2.45 -11.37
C HIS A 94 7.41 -1.03 -11.88
N SER A 95 7.11 -0.78 -13.13
CA SER A 95 7.30 0.47 -13.83
C SER A 95 6.45 1.59 -13.24
N GLU A 96 5.24 1.22 -12.86
CA GLU A 96 4.29 2.16 -12.26
C GLU A 96 4.77 2.69 -10.94
N ARG A 97 5.55 1.89 -10.26
CA ARG A 97 6.14 2.31 -8.98
C ARG A 97 7.31 3.26 -9.28
N ARG A 98 8.09 2.79 -10.23
CA ARG A 98 9.31 3.42 -10.72
C ARG A 98 9.12 4.85 -11.16
N SER A 99 8.13 5.14 -11.98
CA SER A 99 7.92 6.48 -12.51
C SER A 99 7.15 7.36 -11.53
N TYR A 100 5.93 6.90 -11.25
CA TYR A 100 4.99 7.63 -10.43
C TYR A 100 5.39 7.81 -8.96
N PHE A 101 5.89 6.73 -8.42
CA PHE A 101 6.25 6.68 -6.99
C PHE A 101 7.72 6.85 -6.75
N HIS A 102 8.48 7.17 -7.79
CA HIS A 102 9.89 7.46 -7.69
C HIS A 102 10.68 6.42 -6.95
N GLU A 103 10.37 5.18 -7.25
CA GLU A 103 11.11 4.06 -6.66
C GLU A 103 12.43 3.91 -7.39
N ASP A 104 13.52 4.18 -6.70
CA ASP A 104 14.85 4.11 -7.37
C ASP A 104 15.38 2.69 -7.28
N ASP A 105 16.37 2.45 -8.13
CA ASP A 105 17.05 1.17 -8.28
C ASP A 105 17.53 0.63 -6.94
N LYS A 106 18.23 1.49 -6.18
CA LYS A 106 18.76 1.04 -4.88
C LYS A 106 17.63 0.55 -4.00
N PHE A 107 16.59 1.33 -3.92
CA PHE A 107 15.39 1.11 -3.13
C PHE A 107 14.80 -0.25 -3.46
N ILE A 108 14.66 -0.48 -4.77
CA ILE A 108 14.14 -1.78 -5.20
C ILE A 108 15.13 -2.90 -4.86
N ALA A 109 16.41 -2.62 -4.84
CA ALA A 109 17.43 -3.62 -4.50
C ALA A 109 17.38 -4.08 -3.05
N ASP A 110 17.09 -3.13 -2.19
CA ASP A 110 16.95 -3.25 -0.75
C ASP A 110 15.66 -4.03 -0.48
N LYS A 111 14.63 -3.74 -1.26
CA LYS A 111 13.35 -4.43 -1.07
C LYS A 111 13.46 -5.87 -1.51
N THR A 112 14.19 -6.10 -2.62
CA THR A 112 14.36 -7.47 -3.09
C THR A 112 15.12 -8.34 -2.10
N LYS A 113 16.26 -7.84 -1.72
CA LYS A 113 17.13 -8.56 -0.76
C LYS A 113 16.30 -8.97 0.46
N PHE A 114 15.50 -7.97 0.87
CA PHE A 114 14.68 -8.12 2.06
C PHE A 114 13.65 -9.23 1.91
N ALA A 115 12.72 -9.05 0.97
CA ALA A 115 11.67 -10.04 0.77
C ALA A 115 12.28 -11.43 0.68
N LEU A 116 13.35 -11.54 -0.10
CA LEU A 116 13.99 -12.85 -0.33
C LEU A 116 14.50 -13.45 0.99
N GLY A 117 14.96 -12.55 1.85
CA GLY A 117 15.45 -12.96 3.19
C GLY A 117 14.29 -13.52 4.04
N GLN A 118 13.11 -12.99 3.87
CA GLN A 118 11.90 -13.34 4.59
C GLN A 118 11.19 -14.54 4.01
N GLY A 119 11.72 -15.02 2.90
CA GLY A 119 11.19 -16.21 2.26
C GLY A 119 10.00 -16.04 1.35
N VAL A 120 9.93 -14.86 0.74
CA VAL A 120 8.84 -14.72 -0.26
C VAL A 120 9.63 -14.67 -1.60
N GLY A 121 8.95 -15.14 -2.60
CA GLY A 121 9.57 -15.09 -3.95
C GLY A 121 9.40 -13.65 -4.45
N VAL A 122 10.22 -13.30 -5.43
CA VAL A 122 10.13 -11.94 -5.97
C VAL A 122 9.95 -11.90 -7.47
N ILE A 123 8.98 -11.10 -7.87
CA ILE A 123 8.87 -10.83 -9.34
C ILE A 123 9.52 -9.45 -9.47
N LEU A 124 10.73 -9.46 -10.01
CA LEU A 124 11.50 -8.24 -10.16
C LEU A 124 11.25 -7.65 -11.53
N CYS A 125 10.79 -6.42 -11.67
CA CYS A 125 10.48 -5.82 -12.94
C CYS A 125 11.56 -4.87 -13.44
N ILE A 126 11.91 -4.98 -14.71
CA ILE A 126 12.94 -4.12 -15.32
C ILE A 126 12.43 -3.72 -16.72
N GLY A 127 13.03 -2.74 -17.35
CA GLY A 127 12.63 -2.37 -18.71
C GLY A 127 12.90 -0.92 -19.05
N GLU A 128 12.94 -0.65 -20.34
CA GLU A 128 13.28 0.69 -20.85
C GLU A 128 12.10 1.49 -21.31
N THR A 129 12.34 2.80 -21.41
CA THR A 129 11.30 3.73 -21.91
C THR A 129 11.48 3.82 -23.43
N LEU A 130 10.48 4.39 -24.09
CA LEU A 130 10.56 4.49 -25.55
C LEU A 130 11.86 5.21 -25.93
N GLU A 131 12.15 6.24 -25.13
CA GLU A 131 13.35 7.04 -25.31
C GLU A 131 14.64 6.29 -25.02
N GLU A 132 14.63 5.31 -24.11
CA GLU A 132 15.95 4.61 -23.93
C GLU A 132 16.08 3.63 -25.08
N LYS A 133 14.91 3.18 -25.53
CA LYS A 133 14.88 2.22 -26.65
C LYS A 133 15.50 2.87 -27.90
N LYS A 134 14.84 3.95 -28.30
CA LYS A 134 15.20 4.73 -29.47
C LYS A 134 16.66 5.08 -29.52
N ALA A 135 17.27 5.26 -28.37
CA ALA A 135 18.68 5.66 -28.25
C ALA A 135 19.63 4.49 -28.19
N GLY A 136 19.12 3.29 -28.45
CA GLY A 136 19.88 2.04 -28.42
C GLY A 136 20.30 1.71 -26.98
N LYS A 137 19.58 2.25 -25.99
CA LYS A 137 19.98 2.00 -24.61
C LYS A 137 19.23 0.93 -23.86
N THR A 138 18.41 0.15 -24.49
CA THR A 138 17.68 -0.95 -23.86
C THR A 138 18.55 -1.77 -22.92
N LEU A 139 19.70 -2.23 -23.40
CA LEU A 139 20.53 -3.17 -22.61
C LEU A 139 21.32 -2.53 -21.50
N ASP A 140 21.78 -1.31 -21.71
CA ASP A 140 22.48 -0.63 -20.60
C ASP A 140 21.41 -0.50 -19.48
N VAL A 141 20.28 0.04 -19.90
CA VAL A 141 19.19 0.30 -18.96
C VAL A 141 18.89 -0.94 -18.12
N VAL A 142 18.61 -2.07 -18.74
CA VAL A 142 18.29 -3.27 -17.95
C VAL A 142 19.50 -3.72 -17.13
N GLU A 143 20.68 -3.52 -17.67
CA GLU A 143 21.88 -3.98 -16.94
C GLU A 143 22.14 -3.06 -15.76
N ARG A 144 21.64 -1.84 -15.88
CA ARG A 144 21.78 -0.84 -14.79
C ARG A 144 20.88 -1.38 -13.66
N GLN A 145 19.64 -1.54 -13.97
CA GLN A 145 18.59 -2.06 -13.09
C GLN A 145 18.90 -3.38 -12.43
N LEU A 146 19.47 -4.33 -13.17
CA LEU A 146 19.81 -5.62 -12.55
C LEU A 146 21.03 -5.52 -11.68
N ASN A 147 22.02 -4.80 -12.08
CA ASN A 147 23.29 -4.58 -11.37
C ASN A 147 23.01 -4.05 -9.96
N ALA A 148 22.05 -3.13 -9.88
CA ALA A 148 21.64 -2.59 -8.58
C ALA A 148 21.12 -3.71 -7.69
N VAL A 149 20.47 -4.72 -8.24
CA VAL A 149 19.99 -5.84 -7.43
C VAL A 149 21.09 -6.83 -7.11
N LEU A 150 21.89 -7.11 -8.11
CA LEU A 150 23.02 -8.05 -8.01
C LEU A 150 23.99 -7.65 -6.93
N GLU A 151 24.21 -6.36 -6.74
CA GLU A 151 25.15 -5.88 -5.68
C GLU A 151 24.66 -6.35 -4.32
N GLU A 152 23.36 -6.46 -4.18
CA GLU A 152 22.67 -6.91 -2.97
C GLU A 152 22.34 -8.40 -2.89
N VAL A 153 21.76 -8.97 -3.91
CA VAL A 153 21.29 -10.37 -3.95
C VAL A 153 22.27 -11.28 -4.68
N LYS A 154 22.80 -12.26 -3.99
CA LYS A 154 23.71 -13.31 -4.41
C LYS A 154 22.98 -14.60 -4.81
N ASP A 155 21.89 -14.89 -4.13
CA ASP A 155 21.04 -16.06 -4.36
C ASP A 155 19.77 -15.60 -5.10
N TRP A 156 19.64 -15.97 -6.36
CA TRP A 156 18.44 -15.58 -7.13
C TRP A 156 17.53 -16.78 -7.31
N THR A 157 17.71 -17.83 -6.54
CA THR A 157 16.81 -19.01 -6.70
C THR A 157 15.33 -18.62 -6.74
N ASN A 158 14.90 -17.69 -5.86
CA ASN A 158 13.49 -17.32 -5.78
C ASN A 158 13.12 -16.03 -6.50
N VAL A 159 13.87 -15.55 -7.42
CA VAL A 159 13.59 -14.35 -8.19
C VAL A 159 13.04 -14.86 -9.54
N VAL A 160 12.13 -14.11 -10.06
CA VAL A 160 11.60 -14.37 -11.43
C VAL A 160 11.78 -13.00 -12.06
N VAL A 161 12.48 -12.84 -13.18
CA VAL A 161 12.61 -11.47 -13.71
C VAL A 161 11.55 -11.24 -14.77
N ALA A 162 11.01 -10.05 -14.81
CA ALA A 162 9.99 -9.74 -15.82
C ALA A 162 10.47 -8.45 -16.51
N TYR A 163 10.94 -8.72 -17.71
CA TYR A 163 11.35 -7.67 -18.62
C TYR A 163 10.01 -7.17 -19.19
N GLU A 164 9.81 -5.90 -19.02
CA GLU A 164 8.62 -5.23 -19.52
C GLU A 164 8.97 -3.86 -20.08
N PRO A 165 9.09 -3.74 -21.38
CA PRO A 165 9.33 -2.48 -22.05
C PRO A 165 8.29 -1.48 -21.50
N VAL A 166 8.75 -0.31 -21.07
CA VAL A 166 7.81 0.66 -20.49
C VAL A 166 6.75 1.05 -21.50
N TRP A 167 7.19 1.16 -22.75
CA TRP A 167 6.31 1.61 -23.84
C TRP A 167 5.29 0.56 -24.25
N ALA A 168 5.37 -0.63 -23.70
CA ALA A 168 4.42 -1.71 -24.02
C ALA A 168 3.40 -1.95 -22.93
N ILE A 169 3.60 -1.28 -21.80
CA ILE A 169 2.68 -1.49 -20.65
C ILE A 169 1.36 -0.79 -20.84
N GLY A 170 0.31 -1.57 -21.09
CA GLY A 170 -1.06 -1.12 -21.21
C GLY A 170 -1.42 -0.31 -22.43
N THR A 171 -0.50 -0.21 -23.35
CA THR A 171 -0.57 0.54 -24.60
C THR A 171 -1.08 -0.34 -25.74
N GLY A 172 -0.75 -1.63 -25.64
CA GLY A 172 -1.17 -2.59 -26.67
C GLY A 172 -0.11 -2.71 -27.77
N LEU A 173 0.98 -2.02 -27.51
CA LEU A 173 2.17 -1.97 -28.37
C LEU A 173 3.22 -2.93 -27.82
N ALA A 174 2.92 -4.22 -27.89
CA ALA A 174 3.85 -5.26 -27.42
C ALA A 174 5.13 -5.32 -28.20
N ALA A 175 6.17 -5.82 -27.56
CA ALA A 175 7.43 -6.10 -28.30
C ALA A 175 7.14 -7.30 -29.19
N THR A 176 7.84 -7.47 -30.30
CA THR A 176 7.66 -8.67 -31.14
C THR A 176 8.41 -9.83 -30.44
N PRO A 177 7.88 -11.03 -30.60
CA PRO A 177 8.46 -12.28 -30.08
C PRO A 177 9.95 -12.36 -30.33
N GLU A 178 10.32 -11.88 -31.49
CA GLU A 178 11.68 -11.78 -32.01
C GLU A 178 12.56 -10.85 -31.21
N ASP A 179 12.06 -9.66 -30.93
CA ASP A 179 12.87 -8.66 -30.18
C ASP A 179 12.97 -9.11 -28.72
N ALA A 180 11.83 -9.57 -28.23
CA ALA A 180 11.75 -10.06 -26.85
C ALA A 180 12.74 -11.20 -26.68
N GLN A 181 12.75 -12.15 -27.61
CA GLN A 181 13.65 -13.31 -27.45
C GLN A 181 15.11 -12.94 -27.39
N ASP A 182 15.50 -11.98 -28.22
CA ASP A 182 16.90 -11.55 -28.27
C ASP A 182 17.30 -10.79 -27.00
N ILE A 183 16.38 -9.95 -26.57
CA ILE A 183 16.58 -9.14 -25.35
C ILE A 183 16.71 -10.12 -24.19
N HIS A 184 15.84 -11.09 -24.12
CA HIS A 184 15.85 -12.09 -23.05
C HIS A 184 17.15 -12.89 -23.02
N ALA A 185 17.61 -13.29 -24.17
CA ALA A 185 18.86 -14.01 -24.39
C ALA A 185 20.04 -13.19 -23.88
N SER A 186 20.07 -11.94 -24.25
CA SER A 186 21.10 -11.00 -23.81
C SER A 186 21.07 -10.85 -22.29
N ILE A 187 19.89 -10.64 -21.73
CA ILE A 187 19.72 -10.51 -20.26
C ILE A 187 20.32 -11.78 -19.67
N ARG A 188 19.80 -12.93 -20.08
CA ARG A 188 20.26 -14.22 -19.57
C ARG A 188 21.77 -14.38 -19.63
N LYS A 189 22.35 -13.93 -20.74
CA LYS A 189 23.81 -14.01 -20.96
C LYS A 189 24.51 -13.12 -19.94
N PHE A 190 23.94 -11.93 -19.80
CA PHE A 190 24.45 -10.95 -18.82
C PHE A 190 24.52 -11.66 -17.48
N LEU A 191 23.41 -12.13 -16.94
CA LEU A 191 23.32 -12.82 -15.65
C LEU A 191 24.25 -13.99 -15.46
N ALA A 192 24.45 -14.81 -16.47
CA ALA A 192 25.33 -16.00 -16.36
C ALA A 192 26.75 -15.55 -15.99
N SER A 193 27.15 -14.40 -16.50
CA SER A 193 28.46 -13.83 -16.25
C SER A 193 28.60 -13.47 -14.77
N LYS A 194 27.44 -13.14 -14.22
CA LYS A 194 27.37 -12.72 -12.82
C LYS A 194 26.99 -13.83 -11.86
N LEU A 195 26.00 -14.64 -12.16
CA LEU A 195 25.58 -15.70 -11.22
C LEU A 195 25.99 -17.11 -11.58
N GLY A 196 26.68 -17.35 -12.66
CA GLY A 196 27.04 -18.74 -13.08
C GLY A 196 25.93 -19.17 -14.05
N ASP A 197 26.15 -20.21 -14.83
CA ASP A 197 25.20 -20.67 -15.84
C ASP A 197 24.07 -21.52 -15.26
N LYS A 198 24.40 -22.25 -14.22
CA LYS A 198 23.37 -23.10 -13.60
C LYS A 198 22.22 -22.18 -13.16
N ALA A 199 22.65 -21.11 -12.46
CA ALA A 199 21.69 -20.13 -11.92
C ALA A 199 20.98 -19.37 -13.02
N ALA A 200 21.72 -18.85 -14.00
CA ALA A 200 21.05 -18.12 -15.10
C ALA A 200 20.19 -19.06 -15.93
N SER A 201 20.49 -20.35 -15.91
CA SER A 201 19.82 -21.39 -16.72
C SER A 201 18.45 -21.74 -16.17
N GLU A 202 18.37 -21.63 -14.85
CA GLU A 202 17.18 -21.90 -14.07
C GLU A 202 16.30 -20.67 -13.86
N LEU A 203 16.83 -19.50 -14.08
CA LEU A 203 16.11 -18.23 -13.87
C LEU A 203 15.01 -18.10 -14.92
N ARG A 204 13.82 -17.72 -14.53
CA ARG A 204 12.73 -17.40 -15.44
C ARG A 204 12.86 -15.88 -15.71
N ILE A 205 12.70 -15.55 -16.95
CA ILE A 205 12.70 -14.20 -17.56
C ILE A 205 11.41 -14.12 -18.35
N LEU A 206 10.39 -13.51 -17.77
CA LEU A 206 9.07 -13.36 -18.38
C LEU A 206 9.09 -12.10 -19.24
N TYR A 207 8.17 -12.12 -20.19
CA TYR A 207 8.03 -10.91 -21.01
C TYR A 207 6.72 -10.29 -20.47
N GLY A 208 6.61 -9.02 -20.47
CA GLY A 208 5.44 -8.28 -20.02
C GLY A 208 5.32 -7.02 -20.88
N GLY A 209 4.07 -6.64 -21.07
CA GLY A 209 3.78 -5.42 -21.85
C GLY A 209 2.87 -5.82 -23.01
N SER A 210 1.59 -5.63 -22.77
CA SER A 210 0.53 -5.94 -23.75
C SER A 210 0.47 -7.41 -24.15
N ALA A 211 0.81 -8.35 -23.28
CA ALA A 211 0.69 -9.81 -23.52
C ALA A 211 -0.81 -10.11 -23.41
N ASN A 212 -1.40 -10.69 -24.43
CA ASN A 212 -2.86 -10.96 -24.39
C ASN A 212 -3.06 -12.40 -24.85
N GLY A 213 -4.28 -12.85 -24.75
CA GLY A 213 -4.65 -14.21 -25.11
C GLY A 213 -4.33 -14.53 -26.55
N SER A 214 -4.13 -13.55 -27.39
CA SER A 214 -3.84 -13.71 -28.80
C SER A 214 -2.38 -13.81 -29.21
N ASN A 215 -1.61 -12.86 -28.72
CA ASN A 215 -0.17 -12.87 -29.11
C ASN A 215 0.61 -13.82 -28.24
N ALA A 216 0.00 -14.30 -27.15
CA ALA A 216 0.81 -15.18 -26.27
C ALA A 216 1.41 -16.32 -27.07
N VAL A 217 0.53 -16.93 -27.86
CA VAL A 217 0.87 -18.09 -28.66
C VAL A 217 2.08 -17.85 -29.56
N THR A 218 2.33 -16.63 -30.01
CA THR A 218 3.45 -16.35 -30.92
C THR A 218 4.80 -16.35 -30.23
N PHE A 219 4.82 -16.34 -28.91
CA PHE A 219 6.04 -16.41 -28.10
C PHE A 219 6.34 -17.86 -27.65
N LYS A 220 5.48 -18.75 -28.04
CA LYS A 220 5.56 -20.16 -27.67
C LYS A 220 6.86 -20.84 -27.99
N ASP A 221 7.62 -20.42 -28.98
CA ASP A 221 8.89 -21.15 -29.31
C ASP A 221 10.13 -20.41 -28.89
N LYS A 222 9.98 -19.27 -28.27
CA LYS A 222 11.11 -18.43 -27.80
C LYS A 222 11.63 -19.01 -26.49
N ALA A 223 12.83 -19.55 -26.63
CA ALA A 223 13.55 -20.30 -25.64
C ALA A 223 13.87 -19.54 -24.37
N ASP A 224 14.07 -18.26 -24.54
CA ASP A 224 14.45 -17.40 -23.41
C ASP A 224 13.29 -16.57 -22.92
N VAL A 225 12.10 -16.80 -23.43
CA VAL A 225 10.82 -16.28 -22.98
C VAL A 225 10.24 -17.46 -22.16
N ASP A 226 10.22 -17.33 -20.85
CA ASP A 226 9.82 -18.35 -19.89
C ASP A 226 8.40 -18.16 -19.38
N GLY A 227 7.71 -17.13 -19.82
CA GLY A 227 6.34 -16.88 -19.35
C GLY A 227 5.99 -15.42 -19.43
N PHE A 228 4.85 -15.08 -18.81
CA PHE A 228 4.43 -13.68 -18.83
C PHE A 228 4.04 -13.10 -17.46
N LEU A 229 4.14 -11.80 -17.46
CA LEU A 229 3.60 -10.91 -16.44
C LEU A 229 2.51 -10.08 -17.15
N VAL A 230 1.27 -10.46 -16.86
CA VAL A 230 0.10 -9.85 -17.50
C VAL A 230 -0.66 -8.83 -16.66
N GLY A 231 -0.78 -7.64 -17.17
CA GLY A 231 -1.52 -6.53 -16.59
C GLY A 231 -3.01 -6.67 -16.92
N GLY A 232 -3.50 -5.96 -17.87
CA GLY A 232 -4.90 -5.91 -18.29
C GLY A 232 -5.60 -7.19 -18.56
N ALA A 233 -4.90 -8.18 -19.12
CA ALA A 233 -5.50 -9.47 -19.51
C ALA A 233 -5.75 -10.38 -18.35
N SER A 234 -5.08 -10.09 -17.24
CA SER A 234 -5.19 -10.89 -16.02
C SER A 234 -6.63 -10.88 -15.48
N LEU A 235 -7.35 -9.80 -15.68
CA LEU A 235 -8.71 -9.60 -15.29
C LEU A 235 -9.74 -10.10 -16.30
N LYS A 236 -9.29 -10.79 -17.33
CA LYS A 236 -10.21 -11.30 -18.40
C LYS A 236 -10.07 -12.82 -18.51
N PRO A 237 -11.07 -13.47 -19.04
CA PRO A 237 -11.08 -14.93 -19.23
C PRO A 237 -9.83 -15.39 -19.96
N GLU A 238 -9.40 -14.48 -20.81
CA GLU A 238 -8.32 -14.63 -21.75
C GLU A 238 -6.99 -14.94 -21.13
N PHE A 239 -6.97 -14.75 -19.83
CA PHE A 239 -5.84 -15.07 -18.96
C PHE A 239 -5.60 -16.58 -19.01
N VAL A 240 -6.72 -17.32 -19.05
CA VAL A 240 -6.59 -18.79 -19.06
C VAL A 240 -5.88 -19.20 -20.39
N ASP A 241 -6.23 -18.47 -21.44
CA ASP A 241 -5.62 -18.74 -22.77
C ASP A 241 -4.14 -18.49 -22.62
N ILE A 242 -3.77 -17.41 -21.96
CA ILE A 242 -2.34 -17.14 -21.77
C ILE A 242 -1.68 -18.34 -21.13
N ILE A 243 -2.25 -18.89 -20.07
CA ILE A 243 -1.69 -20.03 -19.35
C ILE A 243 -1.45 -21.27 -20.20
N ASN A 244 -2.41 -21.57 -21.06
CA ASN A 244 -2.38 -22.72 -21.97
C ASN A 244 -1.62 -22.48 -23.27
N SER A 245 -1.04 -21.33 -23.47
CA SER A 245 -0.46 -20.95 -24.77
C SER A 245 0.65 -21.87 -25.22
N ARG A 246 1.12 -22.72 -24.33
CA ARG A 246 2.23 -23.61 -24.71
C ARG A 246 1.83 -25.08 -24.62
N ASN A 247 0.56 -25.19 -24.40
CA ASN A 247 -0.24 -26.42 -24.24
C ASN A 247 -0.91 -26.74 -25.59
N ALA B 1 -22.05 19.77 21.05
CA ALA B 1 -21.05 18.81 21.64
C ALA B 1 -20.25 18.21 20.50
N ARG B 2 -19.15 17.57 20.82
CA ARG B 2 -18.28 16.90 19.81
C ARG B 2 -17.99 15.52 20.37
N THR B 3 -18.14 14.50 19.52
CA THR B 3 -17.95 13.17 20.08
C THR B 3 -16.47 12.82 20.11
N PHE B 4 -16.09 12.34 21.29
CA PHE B 4 -14.66 11.96 21.50
C PHE B 4 -14.35 10.92 20.41
N PHE B 5 -13.24 11.12 19.74
CA PHE B 5 -12.79 10.26 18.64
C PHE B 5 -11.40 9.75 19.01
N VAL B 6 -11.23 8.44 19.01
CA VAL B 6 -9.84 7.91 19.25
C VAL B 6 -9.52 7.08 18.00
N GLY B 7 -8.38 7.34 17.40
CA GLY B 7 -7.94 6.61 16.20
C GLY B 7 -6.72 5.78 16.57
N GLY B 8 -6.67 4.56 16.04
CA GLY B 8 -5.52 3.68 16.36
C GLY B 8 -4.75 3.42 15.07
N ASN B 9 -3.56 3.96 15.00
CA ASN B 9 -2.69 3.81 13.81
C ASN B 9 -1.67 2.70 14.05
N PHE B 10 -2.06 1.53 13.55
CA PHE B 10 -1.18 0.33 13.65
C PHE B 10 0.18 0.51 12.97
N LYS B 11 0.22 1.34 11.94
CA LYS B 11 1.49 1.51 11.18
C LYS B 11 1.83 0.15 10.61
N LEU B 12 3.06 -0.18 10.39
CA LEU B 12 3.32 -1.51 9.75
C LEU B 12 3.44 -2.51 10.90
N ASN B 13 2.31 -2.86 11.46
CA ASN B 13 2.30 -3.78 12.60
C ASN B 13 0.99 -4.57 12.61
N GLY B 14 1.23 -5.84 12.98
CA GLY B 14 0.15 -6.79 13.17
C GLY B 14 0.38 -8.11 12.45
N SER B 15 -0.45 -9.03 12.85
CA SER B 15 -0.58 -10.42 12.42
C SER B 15 -2.07 -10.70 12.61
N LYS B 16 -2.62 -11.76 12.07
CA LYS B 16 -4.07 -11.96 12.30
C LYS B 16 -4.28 -12.16 13.80
N GLN B 17 -3.29 -12.80 14.40
CA GLN B 17 -3.36 -13.15 15.81
C GLN B 17 -3.24 -11.93 16.71
N SER B 18 -2.28 -11.09 16.36
CA SER B 18 -2.06 -9.89 17.23
C SER B 18 -3.22 -8.93 17.01
N ILE B 19 -3.77 -8.87 15.81
CA ILE B 19 -4.92 -8.00 15.49
C ILE B 19 -6.19 -8.56 16.12
N LYS B 20 -6.26 -9.88 16.18
CA LYS B 20 -7.37 -10.63 16.80
C LYS B 20 -7.45 -10.26 18.28
N GLU B 21 -6.30 -10.34 18.93
CA GLU B 21 -6.16 -10.00 20.35
C GLU B 21 -6.55 -8.55 20.61
N ILE B 22 -6.06 -7.62 19.79
CA ILE B 22 -6.38 -6.18 19.96
C ILE B 22 -7.88 -5.96 19.87
N VAL B 23 -8.50 -6.48 18.84
CA VAL B 23 -9.91 -6.31 18.53
C VAL B 23 -10.87 -6.98 19.50
N GLU B 24 -10.46 -8.15 19.93
CA GLU B 24 -11.15 -8.95 20.94
C GLU B 24 -11.12 -8.17 22.25
N ARG B 25 -10.00 -7.51 22.50
CA ARG B 25 -9.86 -6.64 23.69
C ARG B 25 -10.83 -5.48 23.60
N LEU B 26 -10.95 -4.81 22.46
CA LEU B 26 -11.88 -3.68 22.31
C LEU B 26 -13.30 -4.22 22.55
N ASN B 27 -13.47 -5.45 22.07
CA ASN B 27 -14.77 -6.14 22.14
C ASN B 27 -15.21 -6.41 23.58
N THR B 28 -14.31 -6.80 24.44
CA THR B 28 -14.32 -7.19 25.83
C THR B 28 -14.46 -6.07 26.87
N ALA B 29 -13.64 -5.04 26.71
CA ALA B 29 -13.51 -3.92 27.63
C ALA B 29 -14.68 -2.94 27.67
N SER B 30 -14.75 -2.35 28.86
CA SER B 30 -15.82 -1.34 29.13
C SER B 30 -15.39 -0.01 28.54
N ILE B 31 -16.03 0.35 27.44
CA ILE B 31 -15.68 1.62 26.75
C ILE B 31 -16.98 2.42 26.68
N PRO B 32 -16.83 3.72 26.74
CA PRO B 32 -17.94 4.65 26.73
C PRO B 32 -18.88 4.46 25.55
N GLU B 33 -20.08 4.91 25.83
CA GLU B 33 -21.14 5.01 24.80
C GLU B 33 -20.71 6.34 24.18
N ASN B 34 -21.11 6.66 23.01
CA ASN B 34 -20.72 7.93 22.38
C ASN B 34 -19.23 8.19 22.25
N VAL B 35 -18.43 7.17 22.15
CA VAL B 35 -17.01 7.37 21.84
C VAL B 35 -17.02 6.98 20.34
N GLU B 36 -16.05 7.48 19.64
CA GLU B 36 -15.87 7.12 18.23
C GLU B 36 -14.46 6.55 18.07
N VAL B 37 -14.42 5.26 17.92
CA VAL B 37 -13.12 4.58 17.77
C VAL B 37 -12.89 4.06 16.35
N VAL B 38 -11.69 4.32 15.85
CA VAL B 38 -11.27 3.91 14.51
C VAL B 38 -9.90 3.25 14.60
N ILE B 39 -9.86 1.95 14.33
CA ILE B 39 -8.57 1.23 14.36
C ILE B 39 -8.10 1.12 12.92
N CYS B 40 -6.86 1.46 12.64
CA CYS B 40 -6.36 1.47 11.27
C CYS B 40 -5.20 0.50 11.05
N PRO B 41 -5.49 -0.72 10.68
CA PRO B 41 -4.49 -1.74 10.38
C PRO B 41 -3.89 -1.63 8.97
N PRO B 42 -2.81 -2.38 8.80
CA PRO B 42 -2.12 -2.50 7.50
C PRO B 42 -3.18 -2.91 6.48
N ALA B 43 -3.14 -2.50 5.23
CA ALA B 43 -4.20 -2.92 4.27
C ALA B 43 -4.44 -4.43 4.24
N THR B 44 -3.43 -5.21 4.36
CA THR B 44 -3.41 -6.68 4.37
C THR B 44 -4.46 -7.19 5.37
N TYR B 45 -4.65 -6.48 6.48
CA TYR B 45 -5.64 -6.93 7.49
C TYR B 45 -6.94 -6.17 7.60
N LEU B 46 -7.33 -5.31 6.68
CA LEU B 46 -8.54 -4.48 6.78
C LEU B 46 -9.80 -5.32 7.00
N ASP B 47 -10.10 -6.14 6.00
CA ASP B 47 -11.25 -7.04 5.87
C ASP B 47 -11.46 -7.91 7.11
N TYR B 48 -10.39 -8.56 7.52
CA TYR B 48 -10.38 -9.44 8.69
C TYR B 48 -10.73 -8.61 9.93
N SER B 49 -10.06 -7.46 10.03
CA SER B 49 -10.31 -6.56 11.15
C SER B 49 -11.81 -6.35 11.26
N VAL B 50 -12.36 -5.92 10.14
CA VAL B 50 -13.77 -5.56 10.06
C VAL B 50 -14.61 -6.78 10.43
N SER B 51 -14.20 -7.99 10.06
CA SER B 51 -15.05 -9.16 10.43
C SER B 51 -14.95 -9.50 11.92
N LEU B 52 -13.94 -9.03 12.61
CA LEU B 52 -13.75 -9.30 14.04
C LEU B 52 -14.52 -8.36 14.97
N VAL B 53 -14.60 -7.12 14.57
CA VAL B 53 -15.28 -6.05 15.35
C VAL B 53 -16.73 -6.40 15.62
N LYS B 54 -17.12 -6.23 16.88
CA LYS B 54 -18.54 -6.57 17.22
C LYS B 54 -19.23 -5.36 17.80
N LYS B 55 -18.37 -4.46 18.23
CA LYS B 55 -18.67 -3.21 18.88
C LYS B 55 -19.03 -2.12 17.89
N PRO B 56 -20.23 -1.58 18.03
CA PRO B 56 -20.79 -0.51 17.24
C PRO B 56 -20.04 0.82 17.31
N GLN B 57 -19.16 0.99 18.27
CA GLN B 57 -18.42 2.25 18.43
C GLN B 57 -17.14 2.19 17.56
N VAL B 58 -16.75 0.96 17.28
CA VAL B 58 -15.50 0.71 16.55
C VAL B 58 -15.64 0.53 15.05
N THR B 59 -14.86 1.35 14.38
CA THR B 59 -14.78 1.39 12.92
C THR B 59 -13.36 1.00 12.50
N VAL B 60 -13.18 0.56 11.25
CA VAL B 60 -11.90 0.21 10.67
C VAL B 60 -11.61 1.32 9.61
N GLY B 61 -10.34 1.67 9.50
CA GLY B 61 -9.95 2.70 8.49
C GLY B 61 -8.64 2.25 7.89
N ALA B 62 -8.28 2.79 6.73
CA ALA B 62 -6.96 2.35 6.19
C ALA B 62 -5.97 3.50 6.42
N GLN B 63 -4.73 3.21 6.37
CA GLN B 63 -3.54 4.01 6.50
C GLN B 63 -3.16 4.86 5.30
N ASN B 64 -3.70 4.57 4.13
CA ASN B 64 -3.40 5.32 2.91
C ASN B 64 -4.23 4.76 1.75
N ALA B 65 -4.45 5.64 0.81
CA ALA B 65 -5.19 5.36 -0.43
C ALA B 65 -4.57 6.27 -1.52
N TYR B 66 -4.90 5.94 -2.74
CA TYR B 66 -4.29 6.75 -3.84
C TYR B 66 -5.33 7.80 -4.17
N LEU B 67 -5.07 8.65 -5.12
CA LEU B 67 -6.10 9.65 -5.49
C LEU B 67 -7.01 9.23 -6.63
N LYS B 68 -7.02 7.98 -7.05
CA LYS B 68 -7.99 7.50 -8.10
C LYS B 68 -8.49 6.16 -7.58
N ALA B 69 -9.71 5.81 -7.99
CA ALA B 69 -10.37 4.59 -7.52
C ALA B 69 -9.88 3.31 -8.15
N SER B 70 -9.50 3.36 -9.40
CA SER B 70 -9.04 2.13 -10.09
C SER B 70 -7.98 2.49 -11.12
N GLY B 71 -7.28 1.45 -11.60
CA GLY B 71 -6.26 1.71 -12.61
C GLY B 71 -4.93 1.00 -12.51
N ALA B 72 -4.03 1.52 -13.36
CA ALA B 72 -2.68 0.95 -13.47
C ALA B 72 -1.81 1.74 -12.49
N PHE B 73 -2.00 1.41 -11.23
CA PHE B 73 -1.26 2.11 -10.14
C PHE B 73 -0.82 0.98 -9.22
N THR B 74 0.09 0.17 -9.76
CA THR B 74 0.53 -1.04 -9.05
C THR B 74 0.94 -0.76 -7.61
N GLY B 75 0.49 -1.53 -6.64
CA GLY B 75 0.93 -1.34 -5.25
C GLY B 75 0.13 -0.38 -4.39
N GLU B 76 -0.81 0.36 -4.93
CA GLU B 76 -1.60 1.35 -4.19
C GLU B 76 -2.85 0.75 -3.59
N ASN B 77 -3.54 1.54 -2.78
CA ASN B 77 -4.78 1.18 -2.12
C ASN B 77 -5.90 2.02 -2.74
N SER B 78 -7.07 1.42 -2.90
CA SER B 78 -8.18 2.21 -3.46
C SER B 78 -9.18 2.51 -2.34
N VAL B 79 -9.82 3.66 -2.42
CA VAL B 79 -10.83 3.98 -1.41
C VAL B 79 -12.03 3.05 -1.63
N ASP B 80 -12.21 2.68 -2.90
CA ASP B 80 -13.33 1.82 -3.29
C ASP B 80 -13.19 0.43 -2.68
N GLN B 81 -12.01 -0.11 -2.62
CA GLN B 81 -11.71 -1.43 -2.08
C GLN B 81 -11.75 -1.44 -0.56
N ILE B 82 -11.12 -0.46 0.06
CA ILE B 82 -11.16 -0.40 1.55
C ILE B 82 -12.61 -0.36 1.99
N LYS B 83 -13.44 0.34 1.24
CA LYS B 83 -14.87 0.45 1.47
C LYS B 83 -15.59 -0.85 1.20
N ASP B 84 -15.22 -1.49 0.12
CA ASP B 84 -15.83 -2.75 -0.31
C ASP B 84 -15.72 -3.76 0.84
N VAL B 85 -14.59 -3.74 1.46
CA VAL B 85 -14.21 -4.67 2.52
C VAL B 85 -14.77 -4.23 3.87
N GLY B 86 -15.39 -3.08 3.84
CA GLY B 86 -16.07 -2.46 4.94
C GLY B 86 -15.31 -1.53 5.85
N ALA B 87 -14.21 -0.95 5.43
CA ALA B 87 -13.53 0.03 6.32
C ALA B 87 -14.31 1.34 6.19
N LYS B 88 -14.18 2.31 7.10
CA LYS B 88 -14.99 3.53 6.83
C LYS B 88 -14.17 4.79 6.70
N TRP B 89 -12.91 4.70 7.03
CA TRP B 89 -11.95 5.78 7.03
C TRP B 89 -10.65 5.44 6.28
N VAL B 90 -10.03 6.55 5.97
CA VAL B 90 -8.65 6.55 5.46
C VAL B 90 -7.87 7.66 6.18
N ILE B 91 -6.64 7.35 6.51
CA ILE B 91 -5.71 8.35 7.08
C ILE B 91 -4.98 8.93 5.89
N LEU B 92 -5.03 10.21 5.65
CA LEU B 92 -4.29 10.84 4.56
C LEU B 92 -3.38 11.98 5.01
N GLY B 93 -2.17 12.08 4.53
CA GLY B 93 -1.24 13.11 4.89
C GLY B 93 -0.39 12.74 6.09
N HIS B 94 -0.39 11.53 6.56
CA HIS B 94 0.43 11.16 7.73
C HIS B 94 1.86 11.63 7.47
N SER B 95 2.47 12.19 8.48
CA SER B 95 3.85 12.68 8.37
C SER B 95 4.79 11.62 7.80
N GLU B 96 4.53 10.34 8.03
CA GLU B 96 5.44 9.29 7.48
C GLU B 96 5.36 9.25 5.95
N ARG B 97 4.20 9.53 5.41
CA ARG B 97 3.98 9.50 3.96
C ARG B 97 4.56 10.80 3.41
N ARG B 98 4.37 11.82 4.28
CA ARG B 98 4.84 13.17 3.88
C ARG B 98 6.35 13.17 3.81
N SER B 99 6.96 12.37 4.68
CA SER B 99 8.43 12.43 4.69
C SER B 99 9.11 11.35 3.92
N TYR B 100 8.83 10.09 4.20
CA TYR B 100 9.52 9.00 3.51
C TYR B 100 9.07 8.88 2.06
N PHE B 101 7.80 9.17 1.88
CA PHE B 101 7.19 8.91 0.57
C PHE B 101 6.93 10.11 -0.27
N HIS B 102 7.51 11.25 0.14
CA HIS B 102 7.46 12.48 -0.63
C HIS B 102 6.07 12.95 -1.02
N GLU B 103 5.10 12.70 -0.14
CA GLU B 103 3.71 13.13 -0.44
C GLU B 103 3.57 14.61 -0.08
N ASP B 104 3.24 15.43 -1.06
CA ASP B 104 3.14 16.90 -0.86
C ASP B 104 1.72 17.33 -0.51
N ASP B 105 1.58 18.61 -0.19
CA ASP B 105 0.26 19.17 0.22
C ASP B 105 -0.83 18.93 -0.82
N LYS B 106 -0.51 19.11 -2.09
CA LYS B 106 -1.48 18.98 -3.20
C LYS B 106 -1.98 17.55 -3.28
N PHE B 107 -1.03 16.68 -3.61
CA PHE B 107 -1.32 15.22 -3.66
C PHE B 107 -2.28 14.91 -2.51
N ILE B 108 -1.91 15.40 -1.32
CA ILE B 108 -2.71 15.08 -0.11
C ILE B 108 -4.09 15.68 -0.18
N ALA B 109 -4.19 16.85 -0.77
CA ALA B 109 -5.47 17.56 -1.00
C ALA B 109 -6.38 16.80 -1.96
N ASP B 110 -5.69 16.40 -3.03
CA ASP B 110 -6.33 15.65 -4.14
C ASP B 110 -6.86 14.34 -3.55
N LYS B 111 -5.98 13.70 -2.80
CA LYS B 111 -6.35 12.45 -2.11
C LYS B 111 -7.55 12.70 -1.18
N THR B 112 -7.51 13.78 -0.41
CA THR B 112 -8.63 14.08 0.50
C THR B 112 -9.96 14.26 -0.21
N LYS B 113 -9.95 14.97 -1.32
CA LYS B 113 -11.15 15.24 -2.15
C LYS B 113 -11.78 14.01 -2.77
N PHE B 114 -10.89 13.18 -3.34
CA PHE B 114 -11.38 11.94 -3.94
C PHE B 114 -12.00 11.07 -2.86
N ALA B 115 -11.25 10.86 -1.78
CA ALA B 115 -11.72 9.95 -0.74
C ALA B 115 -13.12 10.26 -0.29
N LEU B 116 -13.31 11.53 -0.03
CA LEU B 116 -14.61 12.02 0.51
C LEU B 116 -15.68 11.77 -0.56
N GLY B 117 -15.31 12.14 -1.77
CA GLY B 117 -16.22 11.99 -2.92
C GLY B 117 -16.77 10.58 -3.07
N GLN B 118 -16.01 9.61 -2.57
CA GLN B 118 -16.37 8.21 -2.70
C GLN B 118 -17.05 7.75 -1.41
N GLY B 119 -17.16 8.70 -0.50
CA GLY B 119 -17.81 8.50 0.78
C GLY B 119 -17.11 7.71 1.83
N VAL B 120 -15.85 8.00 2.10
CA VAL B 120 -15.08 7.36 3.19
C VAL B 120 -14.65 8.55 4.06
N GLY B 121 -14.54 8.34 5.36
CA GLY B 121 -14.17 9.52 6.18
C GLY B 121 -12.65 9.69 6.04
N VAL B 122 -12.19 10.91 6.26
CA VAL B 122 -10.75 11.13 6.21
C VAL B 122 -10.29 11.62 7.60
N ILE B 123 -9.13 11.08 7.92
CA ILE B 123 -8.34 11.43 9.09
C ILE B 123 -7.13 12.13 8.46
N LEU B 124 -7.26 13.45 8.46
CA LEU B 124 -6.22 14.26 7.77
C LEU B 124 -5.14 14.68 8.73
N CYS B 125 -3.93 14.29 8.55
CA CYS B 125 -2.82 14.61 9.44
C CYS B 125 -2.17 15.88 8.92
N ILE B 126 -1.84 16.73 9.85
CA ILE B 126 -1.15 18.02 9.66
C ILE B 126 -0.19 18.14 10.85
N GLY B 127 0.89 18.86 10.70
CA GLY B 127 1.84 19.05 11.80
C GLY B 127 3.13 19.66 11.27
N GLU B 128 3.82 20.24 12.23
CA GLU B 128 5.09 20.92 12.05
C GLU B 128 6.23 20.07 12.58
N THR B 129 7.40 20.42 12.11
CA THR B 129 8.64 19.77 12.58
C THR B 129 9.15 20.61 13.76
N LEU B 130 10.20 20.13 14.35
CA LEU B 130 10.94 20.76 15.44
C LEU B 130 11.44 22.16 15.05
N GLU B 131 11.94 22.23 13.84
CA GLU B 131 12.48 23.46 13.24
C GLU B 131 11.40 24.53 13.17
N GLU B 132 10.35 24.13 12.48
CA GLU B 132 9.19 24.98 12.26
C GLU B 132 8.63 25.46 13.57
N LYS B 133 8.61 24.57 14.54
CA LYS B 133 8.10 24.87 15.89
C LYS B 133 9.06 25.86 16.58
N LYS B 134 10.33 25.47 16.63
CA LYS B 134 11.36 26.31 17.27
C LYS B 134 11.34 27.70 16.66
N ALA B 135 11.07 27.76 15.38
CA ALA B 135 11.04 29.03 14.64
C ALA B 135 9.71 29.73 14.76
N GLY B 136 8.73 29.16 15.44
CA GLY B 136 7.44 29.78 15.62
C GLY B 136 6.62 29.89 14.34
N LYS B 137 6.70 28.91 13.46
CA LYS B 137 5.97 28.80 12.22
C LYS B 137 4.76 27.84 12.35
N THR B 138 4.65 27.19 13.48
CA THR B 138 3.58 26.19 13.59
C THR B 138 2.28 26.60 12.95
N LEU B 139 1.69 27.77 13.22
CA LEU B 139 0.37 28.09 12.65
C LEU B 139 0.53 28.16 11.12
N ASP B 140 1.60 28.89 10.82
CA ASP B 140 2.00 29.14 9.43
C ASP B 140 1.81 27.80 8.67
N VAL B 141 2.62 26.85 9.12
CA VAL B 141 2.72 25.50 8.56
C VAL B 141 1.36 24.82 8.46
N VAL B 142 0.73 24.59 9.58
CA VAL B 142 -0.57 23.95 9.56
C VAL B 142 -1.59 24.76 8.75
N GLU B 143 -1.50 26.10 8.75
CA GLU B 143 -2.57 26.82 7.96
C GLU B 143 -2.30 26.53 6.50
N ARG B 144 -1.01 26.47 6.18
CA ARG B 144 -0.57 26.09 4.83
C ARG B 144 -1.27 24.77 4.47
N GLN B 145 -0.83 23.69 5.11
CA GLN B 145 -1.33 22.34 4.90
C GLN B 145 -2.83 22.26 4.79
N LEU B 146 -3.50 22.97 5.69
CA LEU B 146 -4.96 22.94 5.70
C LEU B 146 -5.54 23.65 4.49
N ASN B 147 -5.01 24.78 4.11
CA ASN B 147 -5.52 25.52 2.95
C ASN B 147 -5.45 24.71 1.65
N ALA B 148 -4.36 23.98 1.46
CA ALA B 148 -4.16 23.13 0.26
C ALA B 148 -5.42 22.27 0.10
N VAL B 149 -5.88 21.75 1.24
CA VAL B 149 -7.10 20.95 1.25
C VAL B 149 -8.37 21.77 1.04
N LEU B 150 -8.49 22.85 1.79
CA LEU B 150 -9.63 23.77 1.78
C LEU B 150 -10.00 24.18 0.35
N GLU B 151 -8.95 24.40 -0.42
CA GLU B 151 -8.99 24.77 -1.82
C GLU B 151 -9.66 23.73 -2.71
N GLU B 152 -9.46 22.45 -2.44
CA GLU B 152 -10.16 21.41 -3.22
C GLU B 152 -11.45 20.99 -2.53
N VAL B 153 -11.44 20.98 -1.21
CA VAL B 153 -12.52 20.51 -0.34
C VAL B 153 -13.26 21.66 0.33
N LYS B 154 -14.55 21.43 0.50
CA LYS B 154 -15.51 22.41 0.99
C LYS B 154 -16.40 21.93 2.12
N ASP B 155 -16.77 20.69 2.01
CA ASP B 155 -17.67 20.04 3.01
C ASP B 155 -16.80 19.10 3.84
N TRP B 156 -16.59 19.51 5.11
CA TRP B 156 -15.74 18.75 6.04
C TRP B 156 -16.48 17.97 7.10
N THR B 157 -17.67 17.58 6.85
CA THR B 157 -18.59 16.78 7.64
C THR B 157 -17.92 15.51 8.16
N ASN B 158 -17.36 14.80 7.18
CA ASN B 158 -16.64 13.55 7.27
C ASN B 158 -15.14 13.69 7.49
N VAL B 159 -14.57 14.86 7.63
CA VAL B 159 -13.12 14.96 7.92
C VAL B 159 -12.86 15.06 9.43
N VAL B 160 -11.82 14.40 9.88
CA VAL B 160 -11.36 14.55 11.28
C VAL B 160 -9.92 15.09 11.13
N VAL B 161 -9.52 16.17 11.79
CA VAL B 161 -8.13 16.65 11.63
C VAL B 161 -7.26 16.15 12.78
N ALA B 162 -6.13 15.61 12.44
CA ALA B 162 -5.23 15.03 13.45
C ALA B 162 -4.02 15.96 13.48
N TYR B 163 -3.94 16.76 14.54
CA TYR B 163 -2.77 17.66 14.63
C TYR B 163 -1.67 16.83 15.30
N GLU B 164 -0.58 16.64 14.60
CA GLU B 164 0.51 15.81 15.13
C GLU B 164 1.84 16.45 14.86
N PRO B 165 2.39 17.12 15.86
CA PRO B 165 3.73 17.70 15.80
C PRO B 165 4.69 16.59 15.36
N VAL B 166 5.49 16.84 14.35
CA VAL B 166 6.33 15.72 13.82
C VAL B 166 7.29 15.20 14.86
N TRP B 167 7.81 16.10 15.65
CA TRP B 167 8.75 15.88 16.74
C TRP B 167 8.13 15.06 17.87
N ALA B 168 6.86 14.80 17.89
CA ALA B 168 6.19 14.02 18.94
C ALA B 168 5.83 12.61 18.52
N ILE B 169 5.87 12.37 17.23
CA ILE B 169 5.49 11.06 16.65
C ILE B 169 6.52 9.99 16.97
N GLY B 170 6.14 9.08 17.84
CA GLY B 170 7.01 7.97 18.21
C GLY B 170 8.22 8.36 19.02
N THR B 171 8.43 9.64 19.33
CA THR B 171 9.64 10.02 20.09
C THR B 171 9.44 9.94 21.61
N GLY B 172 8.20 10.09 22.02
CA GLY B 172 7.92 10.06 23.46
C GLY B 172 7.89 11.51 23.98
N LEU B 173 8.12 12.44 23.06
CA LEU B 173 8.04 13.86 23.40
C LEU B 173 6.69 14.41 22.94
N ALA B 174 5.71 14.31 23.84
CA ALA B 174 4.34 14.78 23.59
C ALA B 174 4.25 16.28 23.83
N ALA B 175 3.36 16.94 23.11
CA ALA B 175 3.15 18.39 23.35
C ALA B 175 2.52 18.52 24.74
N THR B 176 2.53 19.72 25.31
CA THR B 176 1.79 19.82 26.61
C THR B 176 0.33 20.08 26.20
N PRO B 177 -0.60 19.69 27.04
CA PRO B 177 -2.02 19.91 26.82
C PRO B 177 -2.34 21.40 26.61
N GLU B 178 -1.48 22.22 27.17
CA GLU B 178 -1.57 23.69 27.05
C GLU B 178 -1.35 24.08 25.59
N ASP B 179 -0.15 23.72 25.15
CA ASP B 179 0.31 23.97 23.79
C ASP B 179 -0.75 23.44 22.81
N ALA B 180 -1.04 22.16 23.09
CA ALA B 180 -2.01 21.45 22.20
C ALA B 180 -3.30 22.24 22.22
N GLN B 181 -3.75 22.47 23.46
CA GLN B 181 -5.03 23.20 23.56
C GLN B 181 -4.95 24.52 22.80
N ASP B 182 -3.81 25.17 22.93
CA ASP B 182 -3.58 26.46 22.28
C ASP B 182 -3.73 26.30 20.75
N ILE B 183 -2.87 25.47 20.24
CA ILE B 183 -2.83 25.19 18.78
C ILE B 183 -4.14 24.75 18.20
N HIS B 184 -4.87 23.86 18.84
CA HIS B 184 -6.19 23.45 18.28
C HIS B 184 -7.20 24.56 18.12
N ALA B 185 -7.22 25.48 19.08
CA ALA B 185 -8.19 26.59 19.08
C ALA B 185 -7.89 27.57 17.96
N SER B 186 -6.63 27.87 17.72
CA SER B 186 -6.21 28.73 16.61
C SER B 186 -6.72 28.12 15.28
N ILE B 187 -6.30 26.88 15.09
CA ILE B 187 -6.66 26.08 13.93
C ILE B 187 -8.19 26.11 13.82
N ARG B 188 -8.89 25.95 14.94
CA ARG B 188 -10.37 25.93 14.90
C ARG B 188 -10.89 27.28 14.41
N LYS B 189 -10.25 28.30 14.93
CA LYS B 189 -10.58 29.70 14.57
C LYS B 189 -10.51 29.81 13.03
N PHE B 190 -9.31 29.54 12.62
CA PHE B 190 -8.94 29.58 11.19
C PHE B 190 -9.94 28.90 10.30
N LEU B 191 -10.36 27.71 10.64
CA LEU B 191 -11.32 26.93 9.86
C LEU B 191 -12.71 27.55 9.92
N ALA B 192 -13.08 28.14 11.05
CA ALA B 192 -14.40 28.78 11.16
C ALA B 192 -14.59 29.88 10.11
N SER B 193 -13.48 30.55 9.83
CA SER B 193 -13.54 31.68 8.88
C SER B 193 -13.78 31.13 7.47
N LYS B 194 -13.13 30.00 7.22
CA LYS B 194 -13.24 29.37 5.90
C LYS B 194 -14.47 28.49 5.81
N LEU B 195 -14.73 27.68 6.82
CA LEU B 195 -15.84 26.73 6.81
C LEU B 195 -17.08 27.18 7.52
N GLY B 196 -17.03 28.37 8.09
CA GLY B 196 -18.15 28.93 8.90
C GLY B 196 -18.07 28.31 10.30
N ASP B 197 -18.88 28.86 11.17
CA ASP B 197 -19.05 28.48 12.56
C ASP B 197 -19.48 27.04 12.79
N LYS B 198 -20.67 26.68 12.31
CA LYS B 198 -21.20 25.33 12.61
C LYS B 198 -20.18 24.25 12.28
N ALA B 199 -19.66 24.33 11.07
CA ALA B 199 -18.65 23.40 10.52
C ALA B 199 -17.46 23.28 11.47
N ALA B 200 -16.83 24.40 11.74
CA ALA B 200 -15.65 24.44 12.63
C ALA B 200 -16.02 23.91 14.02
N SER B 201 -17.28 24.08 14.40
CA SER B 201 -17.69 23.66 15.74
C SER B 201 -18.05 22.20 15.86
N GLU B 202 -18.33 21.53 14.76
CA GLU B 202 -18.67 20.10 14.81
C GLU B 202 -17.51 19.24 14.32
N LEU B 203 -16.47 19.88 13.80
CA LEU B 203 -15.28 19.21 13.26
C LEU B 203 -14.37 18.73 14.39
N ARG B 204 -14.07 17.47 14.50
CA ARG B 204 -13.14 17.00 15.57
C ARG B 204 -11.72 17.32 15.17
N ILE B 205 -10.93 17.83 16.09
CA ILE B 205 -9.48 18.10 15.85
C ILE B 205 -8.72 17.24 16.85
N LEU B 206 -7.97 16.26 16.45
CA LEU B 206 -7.31 15.33 17.40
C LEU B 206 -5.89 15.77 17.70
N TYR B 207 -5.32 15.18 18.75
CA TYR B 207 -3.90 15.38 19.01
C TYR B 207 -3.26 13.98 18.87
N GLY B 208 -2.08 14.00 18.31
CA GLY B 208 -1.34 12.73 18.05
C GLY B 208 0.13 13.06 18.24
N GLY B 209 0.87 12.07 18.68
CA GLY B 209 2.33 12.35 18.89
C GLY B 209 2.60 12.05 20.36
N SER B 210 2.85 10.79 20.56
CA SER B 210 3.10 10.11 21.81
C SER B 210 1.90 10.23 22.75
N ALA B 211 0.69 10.17 22.28
CA ALA B 211 -0.50 10.22 23.20
C ALA B 211 -0.54 8.80 23.77
N ASN B 212 -0.52 8.63 25.06
CA ASN B 212 -0.47 7.30 25.68
C ASN B 212 -1.41 7.20 26.86
N GLY B 213 -1.34 5.98 27.42
CA GLY B 213 -2.27 5.68 28.53
C GLY B 213 -1.99 6.60 29.71
N SER B 214 -0.75 7.00 29.89
CA SER B 214 -0.36 7.88 31.00
C SER B 214 -0.86 9.33 30.81
N ASN B 215 -0.54 9.98 29.70
CA ASN B 215 -0.93 11.38 29.53
C ASN B 215 -2.27 11.61 28.90
N ALA B 216 -2.97 10.60 28.38
CA ALA B 216 -4.24 10.90 27.71
C ALA B 216 -5.12 11.74 28.64
N VAL B 217 -5.07 11.38 29.92
CA VAL B 217 -5.95 12.08 30.91
C VAL B 217 -5.63 13.54 31.08
N THR B 218 -4.40 13.97 30.92
CA THR B 218 -3.95 15.32 31.14
C THR B 218 -4.54 16.28 30.12
N PHE B 219 -5.29 15.73 29.18
CA PHE B 219 -5.89 16.56 28.09
C PHE B 219 -7.40 16.61 28.22
N LYS B 220 -7.88 15.94 29.24
CA LYS B 220 -9.33 15.79 29.48
C LYS B 220 -10.14 17.07 29.47
N ASP B 221 -9.60 18.16 30.02
CA ASP B 221 -10.40 19.42 30.09
C ASP B 221 -10.02 20.44 29.06
N LYS B 222 -9.40 19.98 27.99
CA LYS B 222 -8.96 20.87 26.89
C LYS B 222 -10.08 20.73 25.84
N ALA B 223 -10.87 21.76 25.83
CA ALA B 223 -12.06 21.98 25.04
C ALA B 223 -11.88 21.72 23.55
N ASP B 224 -10.78 22.21 23.00
CA ASP B 224 -10.53 22.10 21.57
C ASP B 224 -9.72 20.87 21.14
N VAL B 225 -9.44 19.99 22.03
CA VAL B 225 -8.79 18.72 21.77
C VAL B 225 -9.94 17.71 21.91
N ASP B 226 -10.36 17.18 20.77
CA ASP B 226 -11.53 16.31 20.66
C ASP B 226 -11.23 14.84 20.72
N GLY B 227 -9.96 14.53 20.87
CA GLY B 227 -9.58 13.10 20.89
C GLY B 227 -8.17 12.93 20.41
N PHE B 228 -7.79 11.69 20.14
CA PHE B 228 -6.43 11.37 19.74
C PHE B 228 -6.37 10.48 18.47
N LEU B 229 -5.19 10.52 17.92
CA LEU B 229 -4.70 9.61 16.88
C LEU B 229 -3.45 8.95 17.53
N VAL B 230 -3.63 7.73 17.96
CA VAL B 230 -2.60 6.96 18.64
C VAL B 230 -1.82 5.97 17.79
N GLY B 231 -0.51 6.03 17.81
CA GLY B 231 0.46 5.16 17.18
C GLY B 231 0.86 4.00 18.04
N GLY B 232 2.03 4.12 18.66
CA GLY B 232 2.55 3.00 19.52
C GLY B 232 1.52 2.29 20.36
N ALA B 233 0.78 3.06 21.16
CA ALA B 233 -0.19 2.64 22.15
C ALA B 233 -1.41 1.90 21.66
N SER B 234 -1.80 2.08 20.42
CA SER B 234 -2.97 1.41 19.81
C SER B 234 -2.75 -0.10 19.75
N LEU B 235 -1.49 -0.47 19.89
CA LEU B 235 -1.11 -1.89 19.83
C LEU B 235 -1.21 -2.49 21.23
N LYS B 236 -1.31 -1.53 22.18
CA LYS B 236 -1.36 -1.92 23.57
C LYS B 236 -2.70 -1.77 24.24
N PRO B 237 -2.80 -2.48 25.36
CA PRO B 237 -3.96 -2.47 26.24
C PRO B 237 -4.34 -1.07 26.69
N GLU B 238 -3.33 -0.26 26.99
CA GLU B 238 -3.51 1.11 27.48
C GLU B 238 -4.29 1.94 26.48
N PHE B 239 -4.45 1.35 25.30
CA PHE B 239 -5.27 1.98 24.24
C PHE B 239 -6.67 2.20 24.84
N VAL B 240 -7.22 1.15 25.47
CA VAL B 240 -8.59 1.25 26.00
C VAL B 240 -8.62 2.28 27.14
N ASP B 241 -7.46 2.52 27.71
CA ASP B 241 -7.28 3.54 28.75
C ASP B 241 -7.42 4.94 28.12
N ILE B 242 -6.85 5.11 26.94
CA ILE B 242 -6.98 6.42 26.24
C ILE B 242 -8.45 6.66 25.93
N ILE B 243 -9.21 5.69 25.47
CA ILE B 243 -10.63 5.79 25.13
C ILE B 243 -11.53 6.19 26.32
N ASN B 244 -11.11 5.77 27.49
CA ASN B 244 -11.82 6.01 28.77
C ASN B 244 -11.16 7.18 29.52
N SER B 245 -10.33 7.91 28.80
CA SER B 245 -9.54 9.00 29.38
C SER B 245 -10.42 10.16 29.83
N ARG B 246 -11.58 10.30 29.22
CA ARG B 246 -12.53 11.36 29.63
C ARG B 246 -13.55 10.78 30.60
N ASN B 247 -13.12 10.93 31.85
CA ASN B 247 -13.71 10.51 33.10
C ASN B 247 -15.22 10.74 33.06
C1 PGH C . 2.18 -5.21 -16.37
C2 PGH C . 1.55 -5.54 -17.72
N2 PGH C . 2.78 -6.26 -15.81
O2 PGH C . 3.31 -6.11 -14.49
O1 PGH C . 2.11 -4.08 -15.85
O1P PGH C . 0.69 -4.50 -18.16
O2P PGH C . -1.63 -4.33 -19.14
O3P PGH C . -0.24 -6.32 -19.38
O4P PGH C . 0.39 -4.32 -20.66
P PGH C . -0.30 -4.89 -19.42
C1 PGH D . 0.92 8.83 14.99
C2 PGH D . 1.15 8.63 16.49
N2 PGH D . -0.33 9.06 14.70
O2 PGH D . -0.87 9.23 13.41
O1 PGH D . 1.87 8.72 14.17
O1P PGH D . 2.37 7.88 16.70
O2P PGH D . 3.48 6.38 18.28
O3P PGH D . 1.53 7.79 18.94
O4P PGH D . 3.77 8.85 18.56
P PGH D . 2.78 7.74 18.29
#